data_2YV5
#
_entry.id   2YV5
#
_cell.length_a   63.139
_cell.length_b   63.139
_cell.length_c   157.319
_cell.angle_alpha   90.00
_cell.angle_beta   90.00
_cell.angle_gamma   90.00
#
_symmetry.space_group_name_H-M   'P 43 21 2'
#
loop_
_entity.id
_entity.type
_entity.pdbx_description
1 polymer 'YjeQ protein'
2 non-polymer 'ZINC ION'
3 non-polymer 'CHLORIDE ION'
4 non-polymer "GUANOSINE-5'-DIPHOSPHATE"
5 water water
#
_entity_poly.entity_id   1
_entity_poly.type   'polypeptide(L)'
_entity_poly.pdbx_seq_one_letter_code
;MGKKELKRGLVVDREAQMIGVYLFEDGKTYRGIPRGKVLKKTKIYAGDYVWGEVVDPNTFAIEEVEERKNLLIRPKVANV
DRVIIVETLKMPEFNNYLLDNMLVVYEYFKVEPVIVFNKIDLLNEEEKKELERWISIYRDAGYDVLKVSAKTGEGIDELV
DYLEGFICILAGPSGVGKSSILSRLTGEELRTQEVSEKTERGRHTTTGVRLIPFGKGSFVGDTPGFSKVEATMFVKPREV
RNYFREFLRYQCKYPDCTHTNEPGCAVKEAVKNGEISCERYKSYLKIIKVYLEEIKELCRED
;
_entity_poly.pdbx_strand_id   A
#
loop_
_chem_comp.id
_chem_comp.type
_chem_comp.name
_chem_comp.formula
CL non-polymer 'CHLORIDE ION' 'Cl -1'
GDP RNA linking GUANOSINE-5'-DIPHOSPHATE 'C10 H15 N5 O11 P2'
ZN non-polymer 'ZINC ION' 'Zn 2'
#
# COMPACT_ATOMS: atom_id res chain seq x y z
N MET A 1 18.16 36.95 5.68
CA MET A 1 19.16 37.89 6.27
C MET A 1 19.94 37.19 7.37
N GLY A 2 19.26 36.84 8.45
CA GLY A 2 19.90 36.10 9.53
C GLY A 2 19.26 34.75 9.29
N LYS A 3 18.21 34.83 8.46
CA LYS A 3 17.41 33.71 8.05
C LYS A 3 17.93 33.06 6.77
N LYS A 4 17.84 31.75 6.74
CA LYS A 4 18.29 30.96 5.61
C LYS A 4 17.22 30.91 4.52
N GLU A 5 17.63 30.55 3.30
CA GLU A 5 16.74 30.45 2.16
C GLU A 5 16.18 29.04 2.18
N LEU A 6 15.22 28.74 3.08
CA LEU A 6 14.73 27.37 3.16
C LEU A 6 13.83 26.96 2.00
N LYS A 7 14.09 25.79 1.41
CA LYS A 7 13.26 25.29 0.32
C LYS A 7 12.91 23.83 0.67
N ARG A 8 11.79 23.37 0.12
CA ARG A 8 11.30 22.01 0.42
C ARG A 8 11.72 20.98 -0.59
N GLY A 9 12.07 19.80 -0.08
CA GLY A 9 12.47 18.70 -0.95
C GLY A 9 11.96 17.36 -0.44
N LEU A 10 12.20 16.31 -1.22
CA LEU A 10 11.76 14.98 -0.85
C LEU A 10 12.94 14.02 -0.95
N VAL A 11 13.20 13.21 0.06
CA VAL A 11 14.30 12.27 -0.06
C VAL A 11 13.86 11.17 -1.04
N VAL A 12 14.51 11.09 -2.21
CA VAL A 12 14.14 10.07 -3.20
C VAL A 12 15.17 8.96 -3.33
N ASP A 13 16.34 9.15 -2.74
CA ASP A 13 17.40 8.14 -2.80
C ASP A 13 18.01 8.05 -1.42
N ARG A 14 18.12 6.84 -0.89
CA ARG A 14 18.70 6.64 0.41
C ARG A 14 19.47 5.32 0.41
N GLU A 15 20.81 5.45 0.35
CA GLU A 15 21.75 4.31 0.38
C GLU A 15 22.91 4.62 1.37
N ALA A 16 23.22 3.62 2.21
CA ALA A 16 24.23 3.64 3.27
C ALA A 16 24.49 4.97 3.89
N GLN A 17 25.34 5.70 3.18
CA GLN A 17 25.71 7.02 3.64
C GLN A 17 25.02 8.13 2.83
N MET A 18 24.59 7.85 1.61
CA MET A 18 23.99 8.90 0.80
C MET A 18 22.49 9.20 0.87
N ILE A 19 22.18 10.48 0.60
CA ILE A 19 20.81 10.98 0.60
C ILE A 19 20.62 11.78 -0.69
N GLY A 20 19.60 11.42 -1.47
CA GLY A 20 19.30 12.15 -2.69
C GLY A 20 18.03 12.94 -2.43
N VAL A 21 18.04 14.25 -2.71
CA VAL A 21 16.89 15.09 -2.45
C VAL A 21 16.33 15.70 -3.72
N TYR A 22 15.06 15.43 -3.99
CA TYR A 22 14.36 15.96 -5.17
C TYR A 22 13.85 17.34 -4.71
N LEU A 23 14.31 18.41 -5.34
CA LEU A 23 13.86 19.76 -4.94
C LEU A 23 12.58 20.08 -5.71
N PHE A 24 11.48 20.33 -5.00
CA PHE A 24 10.21 20.58 -5.70
C PHE A 24 10.26 21.80 -6.59
N GLU A 25 11.00 22.82 -6.17
CA GLU A 25 11.07 24.06 -6.96
C GLU A 25 11.55 23.86 -8.39
N ASP A 26 12.53 22.98 -8.59
CA ASP A 26 13.05 22.78 -9.95
C ASP A 26 13.06 21.35 -10.47
N GLY A 27 12.59 20.41 -9.66
CA GLY A 27 12.54 19.03 -10.09
C GLY A 27 13.90 18.36 -10.25
N LYS A 28 14.95 18.97 -9.70
CA LYS A 28 16.29 18.42 -9.79
C LYS A 28 16.61 17.64 -8.54
N THR A 29 17.49 16.66 -8.66
CA THR A 29 17.88 15.89 -7.49
C THR A 29 19.26 16.34 -7.04
N TYR A 30 19.38 16.64 -5.75
CA TYR A 30 20.62 17.13 -5.16
C TYR A 30 21.21 16.15 -4.16
N ARG A 31 22.51 16.26 -3.91
CA ARG A 31 23.10 15.41 -2.90
C ARG A 31 22.73 16.07 -1.58
N GLY A 32 22.06 15.34 -0.70
CA GLY A 32 21.64 15.91 0.57
C GLY A 32 22.66 15.76 1.67
N ILE A 33 22.90 16.84 2.42
CA ILE A 33 23.89 16.82 3.49
C ILE A 33 23.26 17.32 4.77
N PRO A 34 23.10 16.44 5.78
CA PRO A 34 22.49 16.89 7.03
C PRO A 34 23.31 17.99 7.68
N ARG A 35 22.64 18.94 8.29
CA ARG A 35 23.30 20.08 8.96
C ARG A 35 22.84 20.17 10.40
N GLY A 36 23.66 19.71 11.35
CA GLY A 36 23.23 19.80 12.74
C GLY A 36 23.47 18.57 13.59
N LYS A 37 23.44 18.76 14.90
CA LYS A 37 23.68 17.67 15.84
C LYS A 37 22.53 16.73 16.19
N VAL A 38 21.31 17.25 16.36
CA VAL A 38 20.20 16.34 16.64
C VAL A 38 20.11 15.51 15.37
N LEU A 39 20.43 16.18 14.27
CA LEU A 39 20.37 15.61 12.93
C LEU A 39 21.32 14.50 12.52
N LYS A 40 21.48 13.50 13.36
CA LYS A 40 22.32 12.35 13.03
C LYS A 40 22.07 11.29 14.09
N LYS A 41 20.83 11.32 14.56
CA LYS A 41 20.27 10.41 15.55
C LYS A 41 18.81 10.69 15.22
N THR A 42 18.69 11.45 14.12
CA THR A 42 17.44 11.83 13.49
C THR A 42 17.62 10.95 12.29
N LYS A 43 16.78 9.92 12.16
CA LYS A 43 16.93 9.04 11.02
C LYS A 43 16.19 9.63 9.84
N ILE A 44 16.84 9.59 8.69
CA ILE A 44 16.26 10.12 7.47
C ILE A 44 16.07 8.96 6.50
N TYR A 45 14.84 8.82 5.99
CA TYR A 45 14.55 7.73 5.06
C TYR A 45 14.02 8.25 3.74
N ALA A 46 13.97 7.37 2.74
CA ALA A 46 13.38 7.73 1.46
C ALA A 46 11.94 8.09 1.87
N GLY A 47 11.35 9.08 1.21
CA GLY A 47 9.99 9.45 1.54
C GLY A 47 9.87 10.59 2.54
N ASP A 48 10.95 10.90 3.24
CA ASP A 48 10.92 11.99 4.20
C ASP A 48 10.94 13.33 3.46
N TYR A 49 10.16 14.29 3.97
CA TYR A 49 10.11 15.62 3.37
C TYR A 49 11.10 16.45 4.19
N VAL A 50 11.90 17.23 3.49
CA VAL A 50 12.92 18.03 4.17
C VAL A 50 12.88 19.49 3.74
N TRP A 51 13.50 20.34 4.56
CA TRP A 51 13.66 21.76 4.25
C TRP A 51 15.16 21.99 4.40
N GLY A 52 15.73 22.77 3.50
CA GLY A 52 17.14 23.07 3.56
C GLY A 52 17.50 24.15 2.55
N GLU A 53 18.80 24.29 2.30
CA GLU A 53 19.30 25.28 1.37
C GLU A 53 20.10 24.68 0.23
N VAL A 54 19.89 25.19 -0.97
CA VAL A 54 20.68 24.73 -2.09
C VAL A 54 22.02 25.44 -1.86
N VAL A 55 23.11 24.68 -1.88
CA VAL A 55 24.46 25.24 -1.66
C VAL A 55 25.20 25.51 -2.96
N ASP A 56 24.91 24.68 -3.96
CA ASP A 56 25.51 24.80 -5.28
C ASP A 56 24.70 23.88 -6.18
N PRO A 57 24.91 23.96 -7.50
CA PRO A 57 24.18 23.14 -8.48
C PRO A 57 23.98 21.66 -8.15
N ASN A 58 24.78 21.09 -7.25
CA ASN A 58 24.61 19.68 -6.94
C ASN A 58 24.44 19.30 -5.47
N THR A 59 24.34 20.27 -4.59
CA THR A 59 24.25 19.99 -3.17
C THR A 59 23.18 20.77 -2.39
N PHE A 60 22.48 20.06 -1.53
CA PHE A 60 21.40 20.62 -0.73
C PHE A 60 21.67 20.31 0.74
N ALA A 61 21.78 21.36 1.55
CA ALA A 61 22.03 21.21 2.98
C ALA A 61 20.70 21.05 3.70
N ILE A 62 20.51 19.89 4.32
CA ILE A 62 19.28 19.59 5.03
C ILE A 62 19.24 20.18 6.44
N GLU A 63 18.29 21.09 6.66
CA GLU A 63 18.12 21.77 7.95
C GLU A 63 17.03 21.16 8.82
N GLU A 64 15.97 20.64 8.21
CA GLU A 64 14.87 20.05 8.98
C GLU A 64 14.24 18.87 8.24
N VAL A 65 13.63 17.98 9.02
CA VAL A 65 12.90 16.82 8.48
C VAL A 65 11.49 16.93 9.03
N GLU A 66 10.51 16.87 8.15
CA GLU A 66 9.13 16.97 8.58
C GLU A 66 8.71 15.71 9.31
N GLU A 67 7.75 15.86 10.23
CA GLU A 67 7.22 14.72 10.97
C GLU A 67 6.59 13.82 9.94
N ARG A 68 6.82 12.52 10.04
CA ARG A 68 6.26 11.62 9.04
C ARG A 68 4.91 11.05 9.51
N LYS A 69 4.03 10.77 8.55
CA LYS A 69 2.71 10.25 8.86
C LYS A 69 2.65 8.72 8.93
N ASN A 70 3.67 8.07 8.37
CA ASN A 70 3.77 6.62 8.43
C ASN A 70 5.18 6.21 8.02
N LEU A 71 5.52 4.96 8.22
CA LEU A 71 6.84 4.48 7.85
C LEU A 71 6.73 2.99 7.56
N LEU A 72 6.91 2.60 6.31
CA LEU A 72 6.82 1.20 5.95
C LEU A 72 8.14 0.51 6.26
N ILE A 73 8.12 -0.81 6.44
CA ILE A 73 9.37 -1.52 6.73
C ILE A 73 9.89 -2.32 5.54
N ARG A 74 9.14 -2.28 4.45
CA ARG A 74 9.59 -2.92 3.23
C ARG A 74 8.84 -2.36 2.05
N PRO A 75 9.49 -1.50 1.27
CA PRO A 75 10.87 -1.02 1.44
C PRO A 75 10.80 -0.02 2.62
N LYS A 76 11.94 0.48 3.08
CA LYS A 76 11.92 1.44 4.20
C LYS A 76 11.63 2.82 3.60
N VAL A 77 10.38 3.23 3.68
CA VAL A 77 9.96 4.49 3.07
C VAL A 77 8.92 5.18 3.93
N ALA A 78 9.10 6.48 4.08
CA ALA A 78 8.20 7.30 4.90
C ALA A 78 7.14 8.00 4.04
N ASN A 79 6.05 8.40 4.69
CA ASN A 79 4.99 9.17 4.04
C ASN A 79 4.39 8.58 2.79
N VAL A 80 4.12 7.28 2.81
CA VAL A 80 3.54 6.64 1.63
C VAL A 80 2.06 6.98 1.59
N ASP A 81 1.61 7.49 0.45
CA ASP A 81 0.20 7.84 0.28
C ASP A 81 -0.66 6.66 -0.13
N ARG A 82 -0.12 5.81 -0.99
CA ARG A 82 -0.86 4.62 -1.43
C ARG A 82 0.02 3.41 -1.61
N VAL A 83 -0.41 2.26 -1.10
CA VAL A 83 0.31 1.05 -1.44
C VAL A 83 -0.55 0.50 -2.61
N ILE A 84 0.05 0.24 -3.76
CA ILE A 84 -0.69 -0.26 -4.92
C ILE A 84 -0.59 -1.76 -4.85
N ILE A 85 -1.66 -2.40 -4.40
CA ILE A 85 -1.62 -3.86 -4.31
C ILE A 85 -2.09 -4.43 -5.65
N VAL A 86 -1.14 -4.97 -6.40
CA VAL A 86 -1.45 -5.55 -7.70
C VAL A 86 -1.91 -6.99 -7.51
N GLU A 87 -3.04 -7.29 -8.14
CA GLU A 87 -3.64 -8.62 -8.10
C GLU A 87 -4.12 -9.04 -9.47
N THR A 88 -4.40 -10.33 -9.62
CA THR A 88 -4.94 -10.82 -10.90
C THR A 88 -5.94 -11.91 -10.59
N LEU A 89 -6.99 -12.03 -11.40
CA LEU A 89 -7.96 -13.08 -11.16
C LEU A 89 -7.28 -14.41 -11.45
N LYS A 90 -6.52 -14.46 -12.54
CA LYS A 90 -5.80 -15.67 -12.89
C LYS A 90 -4.39 -15.31 -13.33
N MET A 91 -3.50 -16.31 -13.32
CA MET A 91 -2.10 -16.15 -13.71
C MET A 91 -1.36 -15.03 -12.98
N PRO A 92 -1.18 -15.17 -11.66
CA PRO A 92 -1.62 -16.31 -10.83
C PRO A 92 -3.07 -16.27 -10.32
N GLU A 93 -3.54 -17.43 -9.85
CA GLU A 93 -4.90 -17.55 -9.30
C GLU A 93 -5.05 -16.62 -8.10
N PHE A 94 -6.11 -15.83 -8.11
CA PHE A 94 -6.39 -14.90 -7.04
C PHE A 94 -6.61 -15.66 -5.74
N ASN A 95 -6.08 -15.12 -4.65
CA ASN A 95 -6.25 -15.76 -3.34
C ASN A 95 -6.78 -14.64 -2.46
N ASN A 96 -8.10 -14.60 -2.28
CA ASN A 96 -8.70 -13.52 -1.49
C ASN A 96 -8.26 -13.53 -0.03
N TYR A 97 -7.93 -14.70 0.51
CA TYR A 97 -7.50 -14.76 1.91
C TYR A 97 -6.16 -14.03 2.08
N LEU A 98 -5.23 -14.27 1.16
CA LEU A 98 -3.96 -13.59 1.27
C LEU A 98 -4.10 -12.10 1.00
N LEU A 99 -5.00 -11.68 0.11
CA LEU A 99 -5.19 -10.23 -0.10
C LEU A 99 -5.75 -9.63 1.21
N ASP A 100 -6.69 -10.33 1.85
CA ASP A 100 -7.23 -9.79 3.11
C ASP A 100 -6.14 -9.64 4.16
N ASN A 101 -5.23 -10.61 4.22
CA ASN A 101 -4.12 -10.55 5.17
C ASN A 101 -3.28 -9.31 4.84
N MET A 102 -3.01 -9.09 3.55
CA MET A 102 -2.20 -7.93 3.17
C MET A 102 -2.90 -6.61 3.50
N LEU A 103 -4.21 -6.56 3.27
CA LEU A 103 -4.94 -5.33 3.56
C LEU A 103 -4.89 -5.01 5.08
N VAL A 104 -5.02 -6.03 5.92
CA VAL A 104 -4.97 -5.86 7.38
C VAL A 104 -3.60 -5.27 7.76
N VAL A 105 -2.55 -5.83 7.17
CA VAL A 105 -1.20 -5.36 7.47
C VAL A 105 -0.97 -3.91 7.06
N TYR A 106 -1.41 -3.52 5.87
CA TYR A 106 -1.19 -2.13 5.48
C TYR A 106 -2.07 -1.16 6.26
N GLU A 107 -3.23 -1.61 6.71
CA GLU A 107 -4.09 -0.76 7.52
C GLU A 107 -3.36 -0.53 8.85
N TYR A 108 -2.71 -1.59 9.36
CA TYR A 108 -1.96 -1.51 10.59
C TYR A 108 -0.79 -0.50 10.45
N PHE A 109 -0.12 -0.50 9.29
CA PHE A 109 0.98 0.44 9.04
C PHE A 109 0.48 1.83 8.68
N LYS A 110 -0.83 2.00 8.73
CA LYS A 110 -1.46 3.30 8.44
C LYS A 110 -1.18 3.85 7.02
N VAL A 111 -1.29 2.98 6.03
CA VAL A 111 -1.11 3.39 4.63
C VAL A 111 -2.35 2.95 3.86
N GLU A 112 -2.92 3.88 3.09
CA GLU A 112 -4.11 3.59 2.33
C GLU A 112 -3.80 2.73 1.12
N PRO A 113 -4.51 1.61 0.97
CA PRO A 113 -4.25 0.76 -0.18
C PRO A 113 -5.16 1.10 -1.35
N VAL A 114 -4.73 0.74 -2.55
CA VAL A 114 -5.58 0.84 -3.72
C VAL A 114 -5.33 -0.52 -4.37
N ILE A 115 -6.42 -1.25 -4.64
CA ILE A 115 -6.31 -2.59 -5.20
C ILE A 115 -6.42 -2.45 -6.71
N VAL A 116 -5.41 -2.96 -7.40
CA VAL A 116 -5.36 -2.85 -8.85
C VAL A 116 -5.32 -4.23 -9.47
N PHE A 117 -6.41 -4.59 -10.14
CA PHE A 117 -6.46 -5.89 -10.80
C PHE A 117 -5.90 -5.72 -12.21
N ASN A 118 -4.78 -6.40 -12.45
CA ASN A 118 -4.06 -6.37 -13.73
C ASN A 118 -4.42 -7.60 -14.58
N LYS A 119 -3.91 -7.64 -15.82
CA LYS A 119 -4.11 -8.74 -16.74
C LYS A 119 -5.57 -8.98 -17.13
N ILE A 120 -6.37 -7.93 -17.15
CA ILE A 120 -7.78 -8.06 -17.52
C ILE A 120 -7.93 -8.48 -18.99
N ASP A 121 -6.87 -8.27 -19.76
CA ASP A 121 -6.89 -8.65 -21.17
C ASP A 121 -6.97 -10.18 -21.36
N LEU A 122 -6.64 -10.93 -20.32
CA LEU A 122 -6.67 -12.41 -20.41
C LEU A 122 -8.01 -13.05 -20.07
N LEU A 123 -8.91 -12.27 -19.52
CA LEU A 123 -10.19 -12.82 -19.07
C LEU A 123 -11.28 -13.08 -20.10
N ASN A 124 -11.96 -14.22 -19.96
CA ASN A 124 -13.07 -14.55 -20.84
C ASN A 124 -14.31 -13.88 -20.26
N GLU A 125 -15.44 -13.99 -20.95
CA GLU A 125 -16.66 -13.36 -20.47
C GLU A 125 -17.11 -13.77 -19.08
N GLU A 126 -16.98 -15.05 -18.72
CA GLU A 126 -17.39 -15.48 -17.37
C GLU A 126 -16.38 -14.99 -16.32
N GLU A 127 -15.10 -14.97 -16.68
CA GLU A 127 -14.06 -14.51 -15.77
C GLU A 127 -14.21 -13.01 -15.51
N LYS A 128 -14.64 -12.26 -16.52
CA LYS A 128 -14.82 -10.83 -16.32
C LYS A 128 -15.92 -10.60 -15.28
N LYS A 129 -16.96 -11.42 -15.34
CA LYS A 129 -18.07 -11.29 -14.38
C LYS A 129 -17.60 -11.68 -12.98
N GLU A 130 -16.74 -12.69 -12.89
CA GLU A 130 -16.25 -13.11 -11.57
C GLU A 130 -15.37 -11.98 -11.02
N LEU A 131 -14.58 -11.37 -11.88
CA LEU A 131 -13.72 -10.27 -11.41
C LEU A 131 -14.58 -9.12 -10.88
N GLU A 132 -15.66 -8.79 -11.60
CA GLU A 132 -16.53 -7.72 -11.14
C GLU A 132 -17.13 -8.07 -9.78
N ARG A 133 -17.36 -9.35 -9.53
CA ARG A 133 -17.90 -9.76 -8.25
C ARG A 133 -16.89 -9.44 -7.12
N TRP A 134 -15.63 -9.79 -7.32
CA TRP A 134 -14.63 -9.45 -6.30
C TRP A 134 -14.48 -7.93 -6.18
N ILE A 135 -14.50 -7.23 -7.30
CA ILE A 135 -14.33 -5.78 -7.21
C ILE A 135 -15.45 -5.16 -6.38
N SER A 136 -16.67 -5.65 -6.54
CA SER A 136 -17.79 -5.12 -5.76
C SER A 136 -17.60 -5.38 -4.26
N ILE A 137 -17.10 -6.56 -3.94
CA ILE A 137 -16.87 -6.91 -2.55
C ILE A 137 -15.89 -5.95 -1.91
N TYR A 138 -14.76 -5.73 -2.57
CA TYR A 138 -13.76 -4.84 -1.99
C TYR A 138 -14.17 -3.37 -1.97
N ARG A 139 -14.93 -2.93 -2.98
CA ARG A 139 -15.39 -1.55 -2.97
C ARG A 139 -16.44 -1.36 -1.88
N ASP A 140 -17.32 -2.34 -1.71
CA ASP A 140 -18.36 -2.26 -0.70
C ASP A 140 -17.72 -2.29 0.68
N ALA A 141 -16.58 -2.95 0.80
CA ALA A 141 -15.85 -3.05 2.07
C ALA A 141 -15.18 -1.72 2.38
N GLY A 142 -15.11 -0.84 1.38
CA GLY A 142 -14.54 0.48 1.61
C GLY A 142 -13.22 0.79 0.91
N TYR A 143 -12.78 -0.10 0.01
CA TYR A 143 -11.51 0.14 -0.67
C TYR A 143 -11.66 0.62 -2.11
N ASP A 144 -10.68 1.40 -2.55
CA ASP A 144 -10.61 1.90 -3.92
C ASP A 144 -10.06 0.73 -4.73
N VAL A 145 -10.67 0.45 -5.88
CA VAL A 145 -10.26 -0.66 -6.73
C VAL A 145 -10.25 -0.20 -8.20
N LEU A 146 -9.20 -0.55 -8.92
CA LEU A 146 -9.08 -0.21 -10.33
C LEU A 146 -8.71 -1.44 -11.16
N LYS A 147 -9.04 -1.40 -12.46
CA LYS A 147 -8.71 -2.50 -13.36
C LYS A 147 -7.76 -1.97 -14.42
N VAL A 148 -6.71 -2.73 -14.72
CA VAL A 148 -5.78 -2.31 -15.77
C VAL A 148 -5.22 -3.50 -16.53
N SER A 149 -4.60 -3.20 -17.67
CA SER A 149 -3.89 -4.22 -18.42
C SER A 149 -2.57 -3.56 -18.75
N ALA A 150 -1.50 -3.98 -18.08
CA ALA A 150 -0.19 -3.42 -18.37
C ALA A 150 0.21 -3.81 -19.79
N LYS A 151 -0.36 -4.91 -20.29
CA LYS A 151 -0.03 -5.35 -21.64
C LYS A 151 -0.59 -4.45 -22.72
N THR A 152 -1.89 -4.15 -22.66
CA THR A 152 -2.49 -3.30 -23.66
C THR A 152 -2.37 -1.82 -23.28
N GLY A 153 -2.19 -1.54 -22.00
CA GLY A 153 -2.11 -0.18 -21.51
C GLY A 153 -3.47 0.34 -21.01
N GLU A 154 -4.53 -0.45 -21.19
CA GLU A 154 -5.85 0.02 -20.76
C GLU A 154 -5.90 0.25 -19.25
N GLY A 155 -6.52 1.35 -18.84
CA GLY A 155 -6.64 1.69 -17.42
C GLY A 155 -5.41 2.32 -16.77
N ILE A 156 -4.27 2.32 -17.45
CA ILE A 156 -3.05 2.88 -16.87
C ILE A 156 -3.19 4.39 -16.71
N ASP A 157 -3.76 5.06 -17.71
CA ASP A 157 -3.94 6.51 -17.58
C ASP A 157 -4.85 6.83 -16.39
N GLU A 158 -5.88 6.01 -16.19
CA GLU A 158 -6.82 6.21 -15.06
C GLU A 158 -6.08 6.03 -13.73
N LEU A 159 -5.12 5.10 -13.71
CA LEU A 159 -4.32 4.85 -12.50
C LEU A 159 -3.40 6.04 -12.23
N VAL A 160 -2.77 6.56 -13.28
CA VAL A 160 -1.89 7.70 -13.11
C VAL A 160 -2.68 8.87 -12.52
N ASP A 161 -3.88 9.11 -13.03
CA ASP A 161 -4.74 10.19 -12.48
C ASP A 161 -5.09 9.95 -11.02
N TYR A 162 -5.41 8.70 -10.70
CA TYR A 162 -5.78 8.35 -9.33
C TYR A 162 -4.60 8.61 -8.38
N LEU A 163 -3.38 8.39 -8.87
CA LEU A 163 -2.17 8.54 -8.05
C LEU A 163 -1.54 9.94 -8.02
N GLU A 164 -2.20 10.90 -8.66
CA GLU A 164 -1.66 12.27 -8.70
C GLU A 164 -1.19 12.80 -7.35
N GLY A 165 0.02 13.34 -7.32
CA GLY A 165 0.59 13.90 -6.11
C GLY A 165 1.01 12.93 -5.03
N PHE A 166 0.88 11.63 -5.27
CA PHE A 166 1.19 10.64 -4.23
C PHE A 166 2.55 9.94 -4.27
N ILE A 167 3.02 9.54 -3.08
CA ILE A 167 4.22 8.72 -2.95
C ILE A 167 3.58 7.31 -2.89
N CYS A 168 4.00 6.40 -3.78
CA CYS A 168 3.42 5.07 -3.88
C CYS A 168 4.44 3.93 -3.85
N ILE A 169 3.95 2.76 -3.45
CA ILE A 169 4.77 1.55 -3.40
C ILE A 169 3.92 0.46 -4.06
N LEU A 170 4.57 -0.44 -4.79
CA LEU A 170 3.87 -1.57 -5.45
C LEU A 170 4.01 -2.82 -4.60
N ALA A 171 2.90 -3.53 -4.39
CA ALA A 171 2.92 -4.75 -3.59
C ALA A 171 2.08 -5.79 -4.32
N GLY A 172 2.09 -7.03 -3.81
CA GLY A 172 1.32 -8.09 -4.43
C GLY A 172 2.19 -9.30 -4.67
N PRO A 173 1.60 -10.48 -4.83
CA PRO A 173 2.36 -11.72 -5.05
C PRO A 173 3.13 -11.80 -6.35
N SER A 174 4.08 -12.72 -6.42
CA SER A 174 4.87 -12.85 -7.64
C SER A 174 4.03 -13.16 -8.90
N GLY A 175 4.37 -12.46 -9.99
CA GLY A 175 3.73 -12.70 -11.27
C GLY A 175 2.51 -11.90 -11.63
N VAL A 176 2.04 -11.02 -10.74
CA VAL A 176 0.83 -10.26 -11.05
C VAL A 176 1.06 -9.13 -12.05
N GLY A 177 2.32 -8.72 -12.19
CA GLY A 177 2.63 -7.64 -13.10
C GLY A 177 3.16 -6.37 -12.44
N LYS A 178 3.73 -6.45 -11.23
CA LYS A 178 4.25 -5.24 -10.58
C LYS A 178 5.34 -4.57 -11.42
N SER A 179 6.28 -5.36 -11.93
CA SER A 179 7.35 -4.80 -12.74
C SER A 179 6.82 -4.23 -14.06
N SER A 180 5.84 -4.91 -14.66
CA SER A 180 5.23 -4.44 -15.91
C SER A 180 4.52 -3.12 -15.71
N ILE A 181 3.86 -2.98 -14.57
CA ILE A 181 3.20 -1.73 -14.27
C ILE A 181 4.24 -0.64 -13.99
N LEU A 182 5.30 -0.95 -13.25
CA LEU A 182 6.33 0.06 -12.96
C LEU A 182 6.95 0.50 -14.30
N SER A 183 7.10 -0.45 -15.21
CA SER A 183 7.66 -0.14 -16.52
C SER A 183 6.75 0.83 -17.27
N ARG A 184 5.43 0.59 -17.21
CA ARG A 184 4.47 1.48 -17.86
C ARG A 184 4.57 2.88 -17.24
N LEU A 185 4.71 2.92 -15.92
CA LEU A 185 4.75 4.20 -15.24
C LEU A 185 6.04 4.99 -15.35
N THR A 186 7.17 4.28 -15.38
CA THR A 186 8.47 4.93 -15.33
C THR A 186 9.52 4.48 -16.33
N GLY A 187 9.28 3.36 -16.99
CA GLY A 187 10.25 2.83 -17.93
C GLY A 187 11.36 2.10 -17.18
N GLU A 188 11.17 1.91 -15.87
CA GLU A 188 12.17 1.25 -15.03
C GLU A 188 11.73 -0.13 -14.59
N GLU A 189 12.71 -0.94 -14.21
CA GLU A 189 12.47 -2.30 -13.77
C GLU A 189 12.45 -2.38 -12.24
N LEU A 190 11.60 -3.25 -11.72
CA LEU A 190 11.49 -3.44 -10.29
C LEU A 190 12.77 -4.16 -9.84
N ARG A 191 13.43 -3.65 -8.81
CA ARG A 191 14.67 -4.27 -8.30
C ARG A 191 14.38 -5.36 -7.27
N THR A 192 15.14 -6.45 -7.35
CA THR A 192 15.01 -7.58 -6.43
C THR A 192 16.30 -7.79 -5.63
N GLN A 193 17.13 -8.74 -6.04
CA GLN A 193 18.38 -9.04 -5.34
C GLN A 193 19.47 -9.64 -6.24
N GLU A 194 19.16 -10.80 -6.83
CA GLU A 194 20.06 -11.53 -7.73
C GLU A 194 19.32 -12.77 -8.24
N VAL A 195 18.60 -12.60 -9.35
CA VAL A 195 17.80 -13.66 -10.00
C VAL A 195 17.06 -14.52 -8.98
N THR A 205 23.61 -8.43 -0.56
CA THR A 205 22.53 -7.72 0.11
C THR A 205 22.94 -6.30 0.54
N THR A 206 22.65 -5.32 -0.31
CA THR A 206 22.95 -3.90 -0.08
C THR A 206 22.25 -3.14 -1.22
N THR A 207 20.92 -3.01 -1.10
CA THR A 207 20.12 -2.38 -2.14
C THR A 207 19.83 -0.88 -2.02
N GLY A 208 19.14 -0.47 -0.96
CA GLY A 208 18.80 0.93 -0.81
C GLY A 208 17.39 1.13 -1.35
N VAL A 209 16.79 2.29 -1.11
CA VAL A 209 15.43 2.54 -1.58
C VAL A 209 15.45 3.74 -2.55
N ARG A 210 14.71 3.66 -3.66
CA ARG A 210 14.67 4.76 -4.61
C ARG A 210 13.23 5.09 -5.03
N LEU A 211 12.86 6.37 -4.95
CA LEU A 211 11.53 6.81 -5.39
C LEU A 211 11.71 7.45 -6.75
N ILE A 212 10.96 6.96 -7.73
CA ILE A 212 11.05 7.47 -9.09
C ILE A 212 9.89 8.43 -9.41
N PRO A 213 10.21 9.68 -9.79
CA PRO A 213 9.14 10.64 -10.12
C PRO A 213 8.41 10.17 -11.39
N PHE A 214 7.09 10.33 -11.44
CA PHE A 214 6.33 9.94 -12.63
C PHE A 214 4.98 10.63 -12.62
N GLY A 215 4.32 10.63 -13.78
CA GLY A 215 2.99 11.19 -13.93
C GLY A 215 2.75 12.59 -13.42
N LYS A 216 1.58 12.79 -12.82
CA LYS A 216 1.21 14.09 -12.29
C LYS A 216 1.79 14.33 -10.90
N GLY A 217 3.10 14.59 -10.84
CA GLY A 217 3.75 14.86 -9.56
C GLY A 217 3.76 13.71 -8.59
N SER A 218 3.86 12.49 -9.09
CA SER A 218 3.88 11.34 -8.20
C SER A 218 5.29 10.75 -8.12
N PHE A 219 5.44 9.80 -7.22
CA PHE A 219 6.72 9.11 -7.01
C PHE A 219 6.41 7.66 -6.68
N VAL A 220 7.15 6.73 -7.27
CA VAL A 220 6.90 5.32 -6.94
C VAL A 220 8.23 4.63 -6.63
N GLY A 221 8.20 3.75 -5.64
CA GLY A 221 9.42 3.05 -5.26
C GLY A 221 9.83 2.02 -6.28
N ASP A 222 11.14 1.82 -6.48
CA ASP A 222 11.60 0.83 -7.45
C ASP A 222 11.84 -0.54 -6.82
N THR A 223 11.45 -0.71 -5.55
CA THR A 223 11.52 -2.00 -4.88
C THR A 223 10.12 -2.21 -4.30
N PRO A 224 9.64 -3.45 -4.30
CA PRO A 224 8.30 -3.76 -3.81
C PRO A 224 8.05 -3.91 -2.33
N GLY A 225 6.76 -3.87 -2.02
CA GLY A 225 6.28 -4.07 -0.67
C GLY A 225 6.09 -5.56 -0.48
N PHE A 226 5.16 -5.94 0.42
CA PHE A 226 4.88 -7.35 0.69
C PHE A 226 4.37 -8.11 -0.51
N SER A 227 4.65 -9.42 -0.55
CA SER A 227 4.22 -10.30 -1.66
C SER A 227 3.03 -11.16 -1.21
N LYS A 228 3.26 -12.00 -0.20
CA LYS A 228 2.23 -12.82 0.46
C LYS A 228 2.63 -12.65 1.91
N VAL A 229 1.71 -12.19 2.75
CA VAL A 229 2.10 -11.98 4.14
C VAL A 229 1.00 -12.50 5.05
N GLU A 230 1.40 -13.00 6.21
CA GLU A 230 0.43 -13.47 7.20
C GLU A 230 0.27 -12.28 8.14
N ALA A 231 -0.97 -11.82 8.29
CA ALA A 231 -1.23 -10.65 9.10
C ALA A 231 -0.71 -10.73 10.53
N THR A 232 -0.82 -11.90 11.14
CA THR A 232 -0.37 -12.02 12.52
C THR A 232 1.14 -11.96 12.72
N MET A 233 1.90 -11.86 11.63
CA MET A 233 3.34 -11.71 11.80
C MET A 233 3.58 -10.29 12.27
N PHE A 234 2.63 -9.40 11.97
CA PHE A 234 2.72 -7.98 12.34
C PHE A 234 1.62 -7.47 13.24
N VAL A 235 0.48 -8.15 13.25
CA VAL A 235 -0.66 -7.70 14.05
C VAL A 235 -1.09 -8.74 15.09
N LYS A 236 -1.26 -8.33 16.34
CA LYS A 236 -1.70 -9.28 17.35
C LYS A 236 -3.07 -9.82 16.90
N PRO A 237 -3.32 -11.12 17.11
CA PRO A 237 -4.60 -11.70 16.70
C PRO A 237 -5.81 -10.93 17.26
N ARG A 238 -5.74 -10.54 18.54
CA ARG A 238 -6.85 -9.82 19.16
C ARG A 238 -7.05 -8.42 18.58
N GLU A 239 -6.09 -7.95 17.78
CA GLU A 239 -6.24 -6.64 17.18
C GLU A 239 -6.60 -6.66 15.71
N VAL A 240 -6.57 -7.84 15.10
CA VAL A 240 -6.90 -7.96 13.68
C VAL A 240 -8.26 -7.33 13.32
N ARG A 241 -9.25 -7.50 14.20
CA ARG A 241 -10.58 -6.94 13.92
C ARG A 241 -10.59 -5.43 13.75
N ASN A 242 -9.59 -4.75 14.29
CA ASN A 242 -9.58 -3.29 14.12
C ASN A 242 -9.13 -2.90 12.74
N TYR A 243 -8.69 -3.88 11.97
CA TYR A 243 -8.17 -3.63 10.64
C TYR A 243 -9.00 -4.17 9.48
N PHE A 244 -10.21 -4.64 9.77
CA PHE A 244 -11.12 -5.08 8.71
C PHE A 244 -12.02 -3.85 8.56
N ARG A 245 -11.85 -3.15 7.44
CA ARG A 245 -12.53 -1.89 7.20
C ARG A 245 -14.05 -1.87 7.41
N GLU A 246 -14.73 -2.90 6.91
CA GLU A 246 -16.17 -2.91 7.02
C GLU A 246 -16.69 -3.27 8.42
N PHE A 247 -15.81 -3.71 9.31
CA PHE A 247 -16.21 -4.02 10.69
C PHE A 247 -16.31 -2.76 11.53
N LEU A 248 -15.55 -1.74 11.13
CA LEU A 248 -15.44 -0.52 11.93
C LEU A 248 -16.70 0.19 12.38
N ARG A 249 -17.74 0.22 11.56
CA ARG A 249 -18.95 0.91 12.01
C ARG A 249 -19.58 0.19 13.19
N TYR A 250 -19.52 -1.13 13.18
CA TYR A 250 -20.09 -1.93 14.27
C TYR A 250 -19.23 -1.83 15.52
N GLN A 251 -17.92 -1.88 15.34
CA GLN A 251 -17.02 -1.79 16.48
C GLN A 251 -17.16 -0.45 17.21
N CYS A 252 -17.75 0.53 16.53
CA CYS A 252 -17.96 1.81 17.16
C CYS A 252 -19.06 1.70 18.23
N LYS A 253 -20.02 0.81 18.01
CA LYS A 253 -21.12 0.62 18.96
C LYS A 253 -20.91 -0.59 19.90
N TYR A 254 -20.08 -1.54 19.46
CA TYR A 254 -19.78 -2.74 20.24
C TYR A 254 -18.26 -2.88 20.26
N PRO A 255 -17.58 -1.98 21.00
CA PRO A 255 -16.13 -1.93 21.12
C PRO A 255 -15.41 -3.22 21.50
N ASP A 256 -16.06 -4.04 22.32
CA ASP A 256 -15.39 -5.24 22.77
C ASP A 256 -15.76 -6.53 22.04
N CYS A 257 -16.75 -6.48 21.15
CA CYS A 257 -17.17 -7.71 20.48
C CYS A 257 -16.12 -8.21 19.51
N THR A 258 -15.75 -9.49 19.65
CA THR A 258 -14.71 -10.10 18.81
C THR A 258 -15.24 -10.75 17.53
N HIS A 259 -16.56 -10.75 17.39
CA HIS A 259 -17.21 -11.33 16.21
C HIS A 259 -16.87 -12.82 16.08
N THR A 260 -16.80 -13.52 17.22
CA THR A 260 -16.50 -14.95 17.16
C THR A 260 -17.69 -15.70 17.74
N ASN A 261 -17.66 -15.99 19.03
CA ASN A 261 -18.75 -16.73 19.67
C ASN A 261 -19.92 -15.90 20.21
N GLU A 262 -19.86 -14.58 20.13
CA GLU A 262 -20.97 -13.75 20.62
C GLU A 262 -22.20 -14.10 19.76
N PRO A 263 -23.26 -14.62 20.40
CA PRO A 263 -24.47 -15.02 19.66
C PRO A 263 -25.26 -14.01 18.86
N GLY A 264 -25.25 -12.75 19.31
CA GLY A 264 -25.98 -11.69 18.61
C GLY A 264 -25.06 -10.67 17.94
N CYS A 265 -23.82 -11.07 17.68
CA CYS A 265 -22.84 -10.19 17.03
C CYS A 265 -23.43 -9.44 15.80
N ALA A 266 -23.29 -8.12 15.78
CA ALA A 266 -23.81 -7.28 14.68
C ALA A 266 -23.10 -7.55 13.34
N VAL A 267 -21.82 -7.92 13.41
CA VAL A 267 -21.06 -8.25 12.21
C VAL A 267 -21.61 -9.55 11.61
N LYS A 268 -21.87 -10.53 12.46
CA LYS A 268 -22.44 -11.79 11.96
C LYS A 268 -23.83 -11.52 11.38
N GLU A 269 -24.59 -10.63 12.01
CA GLU A 269 -25.92 -10.30 11.52
C GLU A 269 -25.76 -9.64 10.14
N ALA A 270 -24.73 -8.80 10.01
CA ALA A 270 -24.48 -8.10 8.76
C ALA A 270 -24.11 -9.10 7.68
N VAL A 271 -23.37 -10.15 8.06
CA VAL A 271 -23.00 -11.17 7.10
C VAL A 271 -24.26 -11.92 6.66
N LYS A 272 -25.10 -12.25 7.64
CA LYS A 272 -26.34 -12.97 7.36
C LYS A 272 -27.20 -12.17 6.37
N ASN A 273 -27.27 -10.86 6.55
CA ASN A 273 -28.09 -10.00 5.69
C ASN A 273 -27.41 -9.50 4.42
N GLY A 274 -26.19 -9.97 4.18
CA GLY A 274 -25.46 -9.59 2.97
C GLY A 274 -24.77 -8.24 2.96
N GLU A 275 -24.68 -7.58 4.11
CA GLU A 275 -24.03 -6.26 4.18
C GLU A 275 -22.51 -6.40 4.31
N ILE A 276 -22.07 -7.54 4.81
CA ILE A 276 -20.64 -7.88 4.91
C ILE A 276 -20.51 -9.22 4.17
N SER A 277 -19.48 -9.37 3.34
CA SER A 277 -19.37 -10.62 2.56
C SER A 277 -18.89 -11.81 3.38
N CYS A 278 -19.39 -12.98 3.03
CA CYS A 278 -18.98 -14.21 3.69
C CYS A 278 -17.50 -14.42 3.44
N GLU A 279 -17.04 -14.00 2.25
CA GLU A 279 -15.63 -14.15 1.92
C GLU A 279 -14.71 -13.43 2.91
N ARG A 280 -15.01 -12.17 3.18
CA ARG A 280 -14.21 -11.38 4.11
C ARG A 280 -14.34 -11.88 5.53
N TYR A 281 -15.57 -12.21 5.93
CA TYR A 281 -15.75 -12.70 7.30
C TYR A 281 -14.99 -14.01 7.49
N LYS A 282 -15.05 -14.92 6.51
CA LYS A 282 -14.31 -16.16 6.66
C LYS A 282 -12.80 -15.88 6.76
N SER A 283 -12.29 -14.90 6.02
CA SER A 283 -10.85 -14.59 6.12
C SER A 283 -10.49 -14.14 7.50
N TYR A 284 -11.37 -13.34 8.09
CA TYR A 284 -11.13 -12.85 9.44
C TYR A 284 -10.95 -14.01 10.43
N LEU A 285 -11.90 -14.94 10.43
CA LEU A 285 -11.88 -16.09 11.35
C LEU A 285 -10.65 -16.96 11.10
N LYS A 286 -10.29 -17.15 9.83
CA LYS A 286 -9.11 -17.95 9.51
C LYS A 286 -7.83 -17.30 10.06
N ILE A 287 -7.72 -15.99 9.91
CA ILE A 287 -6.55 -15.27 10.43
C ILE A 287 -6.40 -15.42 11.95
N ILE A 288 -7.50 -15.29 12.70
CA ILE A 288 -7.41 -15.42 14.15
C ILE A 288 -7.55 -16.87 14.61
N LYS A 289 -7.63 -17.76 13.63
CA LYS A 289 -7.72 -19.21 13.88
C LYS A 289 -8.89 -19.65 14.76
N VAL A 290 -10.08 -19.20 14.39
CA VAL A 290 -11.31 -19.55 15.09
C VAL A 290 -12.22 -20.28 14.10
N TYR A 291 -12.70 -21.44 14.50
CA TYR A 291 -13.62 -22.19 13.67
C TYR A 291 -14.98 -22.05 14.34
N LEU A 292 -15.98 -21.64 13.57
CA LEU A 292 -17.33 -21.45 14.10
C LEU A 292 -18.32 -22.34 13.35
N GLU A 293 -18.99 -23.27 14.05
CA GLU A 293 -19.98 -24.12 13.40
C GLU A 293 -21.04 -23.25 12.73
N GLU A 294 -21.41 -22.17 13.42
CA GLU A 294 -22.42 -21.22 12.97
C GLU A 294 -22.19 -20.65 11.56
N ILE A 295 -20.96 -20.66 11.07
CA ILE A 295 -20.68 -20.12 9.74
C ILE A 295 -21.55 -20.76 8.66
N LYS A 296 -21.88 -22.03 8.84
CA LYS A 296 -22.72 -22.76 7.89
C LYS A 296 -24.10 -22.13 7.80
N GLU A 297 -24.57 -21.53 8.89
CA GLU A 297 -25.88 -20.90 8.89
C GLU A 297 -25.81 -19.45 8.38
N LEU A 298 -24.67 -18.80 8.57
CA LEU A 298 -24.51 -17.43 8.10
C LEU A 298 -24.22 -17.41 6.61
N CYS A 299 -23.42 -18.39 6.17
CA CYS A 299 -23.00 -18.49 4.79
C CYS A 299 -23.52 -19.75 4.11
N ARG A 300 -24.58 -19.56 3.32
CA ARG A 300 -25.25 -20.67 2.65
C ARG A 300 -26.06 -20.22 1.41
N GLU A 301 -25.90 -18.97 1.00
CA GLU A 301 -26.64 -18.44 -0.16
C GLU A 301 -25.73 -17.97 -1.31
N ASP A 302 -24.73 -17.15 -0.99
CA ASP A 302 -23.76 -16.63 -1.96
C ASP A 302 -24.31 -16.03 -3.26
ZN ZN B . -19.36 -8.54 16.61
CL CL C . -20.24 -6.45 16.52
PB GDP D . 5.72 -9.22 -10.97
O1B GDP D . 4.61 -8.91 -10.06
O2B GDP D . 6.50 -10.56 -10.53
O3B GDP D . 6.79 -8.02 -11.03
O3A GDP D . 5.17 -9.50 -12.47
PA GDP D . 5.92 -9.13 -13.85
O1A GDP D . 7.27 -9.76 -13.87
O2A GDP D . 5.83 -7.68 -14.11
O5' GDP D . 4.96 -9.91 -14.89
C5' GDP D . 4.93 -11.34 -14.88
C4' GDP D . 4.44 -11.86 -16.23
O4' GDP D . 3.14 -11.31 -16.49
C3' GDP D . 5.36 -11.35 -17.32
O3' GDP D . 5.51 -12.33 -18.34
C2' GDP D . 4.62 -10.11 -17.83
O2' GDP D . 4.95 -9.90 -19.20
C1' GDP D . 3.18 -10.62 -17.75
N9 GDP D . 2.19 -9.52 -17.75
C8 GDP D . 2.28 -8.40 -17.01
N7 GDP D . 1.18 -7.68 -17.20
C5 GDP D . 0.41 -8.31 -18.05
C6 GDP D . -0.86 -8.02 -18.60
O6 GDP D . -1.48 -7.01 -18.30
N1 GDP D . -1.42 -8.95 -19.49
C2 GDP D . -0.72 -10.12 -19.80
N2 GDP D . -1.26 -10.98 -20.65
N3 GDP D . 0.48 -10.36 -19.26
C4 GDP D . 1.04 -9.48 -18.41
#